data_6XWK
#
_entry.id   6XWK
#
_cell.length_a   106.320
_cell.length_b   106.320
_cell.length_c   58.670
_cell.angle_alpha   90.000
_cell.angle_beta   90.000
_cell.angle_gamma   120.000
#
_symmetry.space_group_name_H-M   'P 63'
#
loop_
_entity.id
_entity.type
_entity.pdbx_description
1 polymer 'Phycocyanin alpha subunit'
2 polymer 'Phycocyanin beta subunit'
3 non-polymer PHYCOCYANOBILIN
4 non-polymer DI(HYDROXYETHYL)ETHER
5 non-polymer 1,2-ETHANEDIOL
6 non-polymer IMIDAZOLE
7 non-polymer 'TRIETHYLENE GLYCOL'
8 water water
#
loop_
_entity_poly.entity_id
_entity_poly.type
_entity_poly.pdbx_seq_one_letter_code
_entity_poly.pdbx_strand_id
1 'polypeptide(L)'
;MKTPMTEAVAAADSQGRFLSSSELQVAFGRFRQAQAGLSAAQALSENADSLVDGAAQAVYQKFPYTTQMQGDNYASTPEG
KAKCARDIGYYLRMVTYCLIAGGTGPMDDYLIAGIAEINSTFELSPSWYVEALKYIKANHGLSGDAAVEANSYLDYAVNA
LS
;
AAA
2 'polypeptide(L)'
;MFDAFTKVVSQADARGAYVTNDQIGALNQLVSDGNKRIDVVNRITSNASTIVADAARSLFADQPQLIAPGG(MEN)AYTS
RRMAACLRDMEIILRYVTYAIFTGDGSVMDDRCLNGLRETYVALGVPGASVAQGVSKMKQAAIAIANDRGGITQGDCSSL
MSELSGYFDRAAAAVG
;
BBB
#
loop_
_chem_comp.id
_chem_comp.type
_chem_comp.name
_chem_comp.formula
CYC non-polymer PHYCOCYANOBILIN 'C33 H40 N4 O6'
EDO non-polymer 1,2-ETHANEDIOL 'C2 H6 O2'
IMD non-polymer IMIDAZOLE 'C3 H5 N2 1'
PEG non-polymer DI(HYDROXYETHYL)ETHER 'C4 H10 O3'
PGE non-polymer 'TRIETHYLENE GLYCOL' 'C6 H14 O4'
#
# COMPACT_ATOMS: atom_id res chain seq x y z
N MET A 1 5.80 -0.89 6.48
N MET A 1 5.30 -0.89 4.17
CA MET A 1 4.37 -1.07 6.03
CA MET A 1 4.26 -1.16 5.14
C MET A 1 4.25 -2.38 5.24
C MET A 1 3.68 -2.50 4.74
N LYS A 2 3.37 -3.28 5.68
CA LYS A 2 2.92 -4.43 4.89
CA LYS A 2 2.95 -4.52 5.01
C LYS A 2 1.46 -4.72 5.15
N THR A 3 0.92 -5.35 4.14
CA THR A 3 -0.45 -5.84 4.10
C THR A 3 -0.41 -7.17 3.37
N PRO A 4 -1.47 -7.99 3.46
CA PRO A 4 -1.48 -9.23 2.68
C PRO A 4 -1.11 -9.00 1.20
N MET A 5 -1.63 -7.93 0.59
N MET A 5 -1.63 -7.93 0.59
CA MET A 5 -1.27 -7.68 -0.83
CA MET A 5 -1.32 -7.58 -0.82
C MET A 5 0.24 -7.45 -0.99
C MET A 5 0.19 -7.41 -1.00
N THR A 6 0.84 -6.62 -0.15
CA THR A 6 2.29 -6.34 -0.34
C THR A 6 3.08 -7.59 0.07
N GLU A 7 2.62 -8.42 1.03
CA GLU A 7 3.37 -9.63 1.41
CA GLU A 7 3.36 -9.65 1.42
C GLU A 7 3.33 -10.64 0.25
N ALA A 8 2.26 -10.67 -0.51
CA ALA A 8 2.19 -11.52 -1.72
C ALA A 8 3.28 -11.11 -2.71
N VAL A 9 3.41 -9.80 -2.95
CA VAL A 9 4.49 -9.27 -3.83
C VAL A 9 5.85 -9.54 -3.21
N ALA A 10 6.00 -9.33 -1.91
CA ALA A 10 7.33 -9.54 -1.28
C ALA A 10 7.77 -11.00 -1.44
N ALA A 11 6.82 -11.92 -1.37
CA ALA A 11 7.14 -13.37 -1.52
C ALA A 11 7.63 -13.63 -2.95
N ALA A 12 6.90 -13.12 -3.93
CA ALA A 12 7.28 -13.29 -5.36
C ALA A 12 8.64 -12.67 -5.59
N ASP A 13 8.81 -11.44 -5.09
CA ASP A 13 10.08 -10.73 -5.30
C ASP A 13 11.24 -11.49 -4.65
N SER A 14 11.06 -12.01 -3.45
CA SER A 14 12.14 -12.73 -2.73
C SER A 14 12.63 -13.93 -3.56
N GLN A 15 11.80 -14.45 -4.47
CA GLN A 15 12.14 -15.61 -5.34
C GLN A 15 12.39 -15.17 -6.80
N GLY A 16 12.48 -13.87 -7.06
CA GLY A 16 12.81 -13.39 -8.40
C GLY A 16 11.79 -13.79 -9.44
N ARG A 17 10.50 -13.91 -9.08
CA ARG A 17 9.51 -14.47 -10.02
C ARG A 17 8.25 -13.61 -10.12
N PHE A 18 7.51 -13.83 -11.20
CA PHE A 18 6.18 -13.25 -11.37
C PHE A 18 5.23 -13.81 -10.32
N LEU A 19 4.14 -13.11 -10.08
CA LEU A 19 3.12 -13.57 -9.10
C LEU A 19 2.55 -14.91 -9.54
N SER A 20 2.31 -15.74 -8.54
CA SER A 20 1.80 -17.13 -8.66
C SER A 20 0.26 -17.14 -8.62
N SER A 21 -0.33 -18.27 -8.95
N SER A 21 -0.33 -18.27 -8.97
CA SER A 21 -1.80 -18.43 -8.84
CA SER A 21 -1.80 -18.44 -8.85
C SER A 21 -2.22 -18.17 -7.39
C SER A 21 -2.22 -18.17 -7.40
N SER A 22 -1.45 -18.66 -6.42
CA SER A 22 -1.83 -18.49 -5.01
C SER A 22 -1.80 -17.00 -4.64
N GLU A 23 -0.86 -16.24 -5.19
CA GLU A 23 -0.76 -14.79 -4.90
C GLU A 23 -1.94 -14.05 -5.56
N LEU A 24 -2.39 -14.47 -6.75
CA LEU A 24 -3.61 -13.85 -7.36
C LEU A 24 -4.82 -14.09 -6.44
N GLN A 25 -4.90 -15.24 -5.77
CA GLN A 25 -6.04 -15.49 -4.85
C GLN A 25 -6.03 -14.49 -3.70
N VAL A 26 -4.86 -14.05 -3.24
CA VAL A 26 -4.80 -13.00 -2.19
C VAL A 26 -5.54 -11.74 -2.69
N ALA A 27 -5.33 -11.38 -3.94
CA ALA A 27 -6.01 -10.19 -4.51
C ALA A 27 -7.51 -10.43 -4.62
N PHE A 28 -7.94 -11.61 -5.07
CA PHE A 28 -9.38 -11.89 -5.12
C PHE A 28 -9.98 -11.71 -3.74
N GLY A 29 -9.37 -12.32 -2.73
CA GLY A 29 -9.93 -12.23 -1.38
C GLY A 29 -9.94 -10.80 -0.87
N ARG A 30 -8.87 -10.07 -1.12
CA ARG A 30 -8.77 -8.70 -0.63
C ARG A 30 -9.90 -7.86 -1.22
N PHE A 31 -10.06 -7.92 -2.53
CA PHE A 31 -11.10 -7.09 -3.15
C PHE A 31 -12.50 -7.57 -2.74
N ARG A 32 -12.67 -8.86 -2.46
CA ARG A 32 -13.99 -9.39 -2.05
C ARG A 32 -14.43 -8.76 -0.71
N GLN A 33 -13.49 -8.50 0.19
CA GLN A 33 -13.83 -8.00 1.54
C GLN A 33 -13.45 -6.55 1.79
N ALA A 34 -12.79 -5.87 0.85
CA ALA A 34 -12.22 -4.54 1.18
C ALA A 34 -13.30 -3.52 1.49
N GLN A 35 -14.44 -3.60 0.81
CA GLN A 35 -15.49 -2.60 1.00
C GLN A 35 -15.93 -2.60 2.47
N ALA A 36 -15.99 -3.76 3.12
CA ALA A 36 -16.45 -3.84 4.52
C ALA A 36 -15.58 -2.91 5.38
N GLY A 37 -14.27 -3.01 5.19
CA GLY A 37 -13.34 -2.20 5.99
C GLY A 37 -13.46 -0.72 5.65
N LEU A 38 -13.63 -0.39 4.38
CA LEU A 38 -13.84 1.02 3.98
C LEU A 38 -15.07 1.59 4.66
N SER A 39 -16.17 0.84 4.66
CA SER A 39 -17.42 1.33 5.24
C SER A 39 -17.26 1.51 6.75
N ALA A 40 -16.64 0.54 7.42
CA ALA A 40 -16.44 0.64 8.88
C ALA A 40 -15.54 1.84 9.23
N ALA A 41 -14.49 2.05 8.46
CA ALA A 41 -13.59 3.20 8.70
C ALA A 41 -14.36 4.52 8.61
N GLN A 42 -15.18 4.63 7.57
CA GLN A 42 -15.95 5.85 7.31
C GLN A 42 -16.95 6.07 8.46
N ALA A 43 -17.60 5.01 8.94
CA ALA A 43 -18.57 5.14 10.04
C ALA A 43 -17.84 5.67 11.29
N LEU A 44 -16.70 5.10 11.64
CA LEU A 44 -15.94 5.57 12.83
C LEU A 44 -15.53 7.02 12.65
N SER A 45 -14.97 7.35 11.50
CA SER A 45 -14.47 8.72 11.20
CA SER A 45 -14.43 8.73 11.34
C SER A 45 -15.56 9.75 11.47
N GLU A 46 -16.78 9.42 11.05
CA GLU A 46 -17.89 10.38 11.15
C GLU A 46 -18.25 10.65 12.60
N ASN A 47 -17.95 9.72 13.50
CA ASN A 47 -18.27 9.82 14.94
CA ASN A 47 -18.27 9.86 14.94
C ASN A 47 -16.99 10.09 15.76
N ALA A 48 -15.92 10.57 15.13
CA ALA A 48 -14.62 10.64 15.84
C ALA A 48 -14.69 11.59 17.02
N ASP A 49 -15.29 12.76 16.87
CA ASP A 49 -15.26 13.72 17.99
C ASP A 49 -15.94 13.14 19.23
N SER A 50 -17.14 12.58 19.06
N SER A 50 -17.13 12.56 19.07
CA SER A 50 -17.91 11.98 20.18
CA SER A 50 -17.89 12.02 20.22
C SER A 50 -17.09 10.85 20.79
C SER A 50 -17.17 10.79 20.80
N LEU A 51 -16.54 9.95 19.96
CA LEU A 51 -15.83 8.78 20.49
C LEU A 51 -14.58 9.20 21.27
N VAL A 52 -13.82 10.17 20.74
CA VAL A 52 -12.58 10.58 21.41
C VAL A 52 -12.92 11.29 22.73
N ASP A 53 -13.83 12.25 22.67
CA ASP A 53 -14.18 13.01 23.89
C ASP A 53 -14.80 12.08 24.93
N GLY A 54 -15.66 11.16 24.50
CA GLY A 54 -16.27 10.23 25.44
C GLY A 54 -15.22 9.31 26.03
N ALA A 55 -14.26 8.90 25.24
CA ALA A 55 -13.20 7.98 25.71
C ALA A 55 -12.33 8.71 26.75
N ALA A 56 -12.00 9.96 26.48
CA ALA A 56 -11.19 10.74 27.43
C ALA A 56 -11.93 10.83 28.78
N GLN A 57 -13.21 11.16 28.74
N GLN A 57 -13.22 11.22 28.71
CA GLN A 57 -13.98 11.29 30.01
CA GLN A 57 -14.11 11.28 29.90
C GLN A 57 -14.08 9.91 30.68
C GLN A 57 -14.04 9.94 30.64
N ALA A 58 -14.16 8.83 29.93
CA ALA A 58 -14.18 7.48 30.52
C ALA A 58 -12.87 7.20 31.28
N VAL A 59 -11.75 7.62 30.71
CA VAL A 59 -10.43 7.44 31.37
C VAL A 59 -10.39 8.27 32.64
N TYR A 60 -10.82 9.53 32.57
CA TYR A 60 -10.75 10.42 33.74
C TYR A 60 -11.64 9.84 34.86
N GLN A 61 -12.76 9.23 34.52
CA GLN A 61 -13.67 8.63 35.53
C GLN A 61 -12.99 7.44 36.20
N LYS A 62 -12.34 6.57 35.44
CA LYS A 62 -11.69 5.37 35.98
C LYS A 62 -10.43 5.69 36.76
N PHE A 63 -9.73 6.77 36.38
CA PHE A 63 -8.45 7.15 36.98
C PHE A 63 -8.52 8.59 37.44
N PRO A 64 -9.28 8.90 38.53
CA PRO A 64 -9.53 10.29 38.86
C PRO A 64 -8.27 11.11 39.16
N TYR A 65 -7.23 10.46 39.63
CA TYR A 65 -5.96 11.14 39.96
C TYR A 65 -5.36 11.81 38.74
N THR A 66 -5.66 11.31 37.54
CA THR A 66 -5.08 11.88 36.31
C THR A 66 -5.55 13.32 36.07
N THR A 67 -6.65 13.76 36.67
CA THR A 67 -7.11 15.15 36.51
C THR A 67 -6.91 15.96 37.78
N GLN A 68 -6.22 15.41 38.77
CA GLN A 68 -6.03 16.08 40.09
C GLN A 68 -4.57 16.24 40.43
N MET A 69 -3.74 15.23 40.16
CA MET A 69 -2.32 15.27 40.53
C MET A 69 -1.58 16.22 39.59
N GLN A 70 -0.66 17.00 40.15
CA GLN A 70 0.21 17.87 39.36
C GLN A 70 1.28 16.97 38.75
N GLY A 71 1.58 17.20 37.50
CA GLY A 71 2.72 16.58 36.83
C GLY A 71 2.57 16.70 35.33
N ASP A 72 3.70 16.73 34.64
CA ASP A 72 3.69 16.86 33.16
C ASP A 72 2.96 15.69 32.50
N ASN A 73 2.92 14.53 33.14
CA ASN A 73 2.30 13.30 32.60
C ASN A 73 0.78 13.28 32.78
N TYR A 74 0.20 14.25 33.50
CA TYR A 74 -1.22 14.18 33.88
C TYR A 74 -2.07 15.20 33.14
N ALA A 75 -3.36 14.93 33.17
CA ALA A 75 -4.43 15.73 32.55
C ALA A 75 -5.10 16.62 33.60
N SER A 76 -4.29 17.24 34.47
CA SER A 76 -4.78 18.16 35.51
C SER A 76 -4.72 19.62 35.09
N THR A 77 -4.33 19.88 33.84
CA THR A 77 -4.26 21.20 33.23
C THR A 77 -5.00 21.11 31.90
N PRO A 78 -5.35 22.25 31.31
CA PRO A 78 -5.90 22.22 29.95
C PRO A 78 -4.93 21.58 28.95
N GLU A 79 -3.64 21.86 29.10
CA GLU A 79 -2.61 21.36 28.19
C GLU A 79 -2.57 19.83 28.30
N GLY A 80 -2.63 19.28 29.50
CA GLY A 80 -2.57 17.84 29.69
C GLY A 80 -3.81 17.17 29.13
N LYS A 81 -4.99 17.75 29.36
N LYS A 81 -4.99 17.75 29.35
CA LYS A 81 -6.23 17.21 28.77
CA LYS A 81 -6.23 17.20 28.78
C LYS A 81 -6.11 17.20 27.25
C LYS A 81 -6.13 17.22 27.25
N ALA A 82 -5.52 18.25 26.67
CA ALA A 82 -5.40 18.33 25.21
C ALA A 82 -4.46 17.22 24.72
N LYS A 83 -3.33 17.03 25.38
CA LYS A 83 -2.42 15.93 24.99
C LYS A 83 -3.17 14.59 25.03
N CYS A 84 -3.97 14.38 26.07
CA CYS A 84 -4.66 13.09 26.25
C CYS A 84 -5.68 12.87 25.13
N ALA A 85 -6.52 13.87 24.86
CA ALA A 85 -7.52 13.75 23.79
C ALA A 85 -6.80 13.58 22.45
N ARG A 86 -5.70 14.29 22.23
CA ARG A 86 -4.92 14.12 21.00
C ARG A 86 -4.49 12.66 20.85
N ASP A 87 -3.88 12.11 21.91
CA ASP A 87 -3.39 10.71 21.85
C ASP A 87 -4.54 9.74 21.55
N ILE A 88 -5.66 9.94 22.24
CA ILE A 88 -6.80 9.01 21.99
C ILE A 88 -7.25 9.12 20.54
N GLY A 89 -7.27 10.32 20.00
CA GLY A 89 -7.59 10.50 18.57
C GLY A 89 -6.59 9.80 17.68
N TYR A 90 -5.31 9.79 18.06
CA TYR A 90 -4.31 9.03 17.29
C TYR A 90 -4.72 7.56 17.23
N TYR A 91 -5.06 6.97 18.38
CA TYR A 91 -5.49 5.55 18.40
C TYR A 91 -6.69 5.32 17.48
N LEU A 92 -7.71 6.18 17.57
CA LEU A 92 -8.91 5.98 16.74
C LEU A 92 -8.54 6.12 15.26
N ARG A 93 -7.74 7.12 14.93
CA ARG A 93 -7.35 7.27 13.52
C ARG A 93 -6.60 6.04 13.03
N MET A 94 -5.70 5.50 13.87
CA MET A 94 -4.98 4.28 13.46
C MET A 94 -5.96 3.12 13.22
N VAL A 95 -6.99 2.97 14.05
CA VAL A 95 -7.98 1.92 13.80
C VAL A 95 -8.64 2.11 12.44
N THR A 96 -9.01 3.36 12.11
CA THR A 96 -9.62 3.60 10.78
C THR A 96 -8.63 3.24 9.67
N TYR A 97 -7.35 3.56 9.86
CA TYR A 97 -6.36 3.23 8.82
C TYR A 97 -6.23 1.71 8.63
N CYS A 98 -6.27 0.95 9.74
CA CYS A 98 -6.17 -0.52 9.65
C CYS A 98 -7.37 -1.06 8.87
N LEU A 99 -8.54 -0.51 9.11
CA LEU A 99 -9.75 -0.93 8.41
C LEU A 99 -9.61 -0.66 6.92
N ILE A 100 -9.04 0.50 6.55
CA ILE A 100 -8.81 0.84 5.13
C ILE A 100 -7.71 -0.04 4.52
N ALA A 101 -6.69 -0.36 5.30
CA ALA A 101 -5.51 -1.13 4.81
C ALA A 101 -5.77 -2.62 4.72
N GLY A 102 -6.74 -3.13 5.49
CA GLY A 102 -6.93 -4.58 5.57
C GLY A 102 -5.90 -5.28 6.44
N GLY A 103 -5.37 -4.60 7.44
CA GLY A 103 -4.43 -5.24 8.38
C GLY A 103 -3.91 -4.25 9.38
N THR A 104 -3.03 -4.73 10.25
CA THR A 104 -2.47 -3.92 11.35
C THR A 104 -1.35 -2.99 10.91
N GLY A 105 -0.88 -3.10 9.67
CA GLY A 105 0.31 -2.37 9.21
C GLY A 105 0.37 -0.91 9.67
N PRO A 106 -0.69 -0.12 9.46
CA PRO A 106 -0.61 1.30 9.84
C PRO A 106 -0.38 1.47 11.35
N MET A 107 -1.11 0.71 12.14
N MET A 107 -1.13 0.70 12.15
CA MET A 107 -0.94 0.85 13.59
CA MET A 107 -1.03 0.75 13.63
C MET A 107 0.45 0.36 13.99
C MET A 107 0.37 0.29 14.03
N ASP A 108 0.93 -0.74 13.37
CA ASP A 108 2.30 -1.22 13.66
C ASP A 108 3.32 -0.12 13.39
N ASP A 109 3.26 0.45 12.19
CA ASP A 109 4.31 1.34 11.72
C ASP A 109 4.25 2.68 12.47
N TYR A 110 3.05 3.20 12.72
CA TYR A 110 2.91 4.58 13.18
C TYR A 110 2.72 4.71 14.68
N LEU A 111 2.25 3.64 15.35
CA LEU A 111 1.92 3.75 16.78
C LEU A 111 2.60 2.68 17.64
N ILE A 112 2.53 1.39 17.29
N ILE A 112 2.51 1.39 17.28
CA ILE A 112 2.96 0.33 18.25
CA ILE A 112 2.92 0.29 18.20
C ILE A 112 4.48 0.27 18.32
C ILE A 112 4.45 0.24 18.30
N ALA A 113 5.18 0.35 17.19
CA ALA A 113 6.65 0.28 17.25
C ALA A 113 7.17 1.51 17.99
N GLY A 114 7.71 1.32 19.18
CA GLY A 114 8.20 2.41 20.04
C GLY A 114 7.25 2.82 21.15
N ILE A 115 6.02 2.31 21.20
CA ILE A 115 5.05 2.83 22.19
C ILE A 115 5.55 2.58 23.61
N ALA A 116 6.16 1.43 23.87
CA ALA A 116 6.61 1.14 25.24
C ALA A 116 7.67 2.15 25.69
N GLU A 117 8.57 2.54 24.79
CA GLU A 117 9.63 3.54 25.09
C GLU A 117 8.98 4.90 25.37
N ILE A 118 7.99 5.31 24.57
CA ILE A 118 7.33 6.61 24.81
CA ILE A 118 7.28 6.60 24.79
C ILE A 118 6.64 6.58 26.18
N ASN A 119 5.91 5.51 26.46
CA ASN A 119 5.09 5.52 27.69
C ASN A 119 6.04 5.48 28.90
N SER A 120 7.14 4.75 28.79
CA SER A 120 8.15 4.71 29.88
C SER A 120 8.77 6.10 30.07
N THR A 121 9.25 6.69 29.00
CA THR A 121 9.99 7.97 29.07
C THR A 121 9.09 9.06 29.65
N PHE A 122 7.86 9.14 29.16
CA PHE A 122 6.93 10.25 29.54
C PHE A 122 6.03 9.83 30.71
N GLU A 123 6.24 8.66 31.31
CA GLU A 123 5.52 8.23 32.54
C GLU A 123 4.02 8.22 32.29
N LEU A 124 3.64 7.70 31.14
CA LEU A 124 2.23 7.53 30.76
C LEU A 124 1.83 6.09 31.03
N SER A 125 0.73 5.87 31.73
CA SER A 125 0.30 4.49 32.04
CA SER A 125 0.31 4.50 32.05
C SER A 125 -0.40 3.86 30.86
N PRO A 126 0.06 2.67 30.40
CA PRO A 126 -0.66 1.97 29.35
CA PRO A 126 -0.67 2.02 29.33
C PRO A 126 -2.12 1.70 29.72
N SER A 127 -2.39 1.49 31.01
CA SER A 127 -3.77 1.17 31.46
C SER A 127 -4.75 2.29 31.14
N TRP A 128 -4.27 3.54 31.10
CA TRP A 128 -5.17 4.67 30.76
C TRP A 128 -5.70 4.44 29.34
N TYR A 129 -4.79 4.14 28.43
CA TYR A 129 -5.15 4.00 27.01
C TYR A 129 -6.02 2.75 26.79
N VAL A 130 -5.76 1.68 27.55
CA VAL A 130 -6.63 0.50 27.46
C VAL A 130 -8.08 0.91 27.74
N GLU A 131 -8.32 1.70 28.76
CA GLU A 131 -9.71 2.09 29.07
C GLU A 131 -10.30 2.92 27.93
N ALA A 132 -9.52 3.83 27.34
CA ALA A 132 -10.01 4.61 26.19
C ALA A 132 -10.45 3.64 25.07
N LEU A 133 -9.61 2.66 24.78
CA LEU A 133 -9.89 1.72 23.68
C LEU A 133 -11.15 0.92 24.00
N LYS A 134 -11.28 0.49 25.25
N LYS A 134 -11.31 0.50 25.24
CA LYS A 134 -12.47 -0.28 25.70
CA LYS A 134 -12.50 -0.29 25.60
C LYS A 134 -13.73 0.57 25.54
C LYS A 134 -13.77 0.58 25.55
N TYR A 135 -13.67 1.86 25.87
CA TYR A 135 -14.82 2.76 25.68
C TYR A 135 -15.19 2.79 24.19
N ILE A 136 -14.21 2.95 23.33
CA ILE A 136 -14.50 3.03 21.87
C ILE A 136 -15.18 1.75 21.43
N LYS A 137 -14.64 0.60 21.82
CA LYS A 137 -15.24 -0.70 21.45
C LYS A 137 -16.71 -0.75 21.86
N ALA A 138 -17.02 -0.26 23.05
CA ALA A 138 -18.38 -0.37 23.63
C ALA A 138 -19.32 0.65 22.97
N ASN A 139 -18.79 1.71 22.32
CA ASN A 139 -19.64 2.85 21.93
C ASN A 139 -19.61 3.16 20.44
N HIS A 140 -18.89 2.42 19.60
CA HIS A 140 -18.87 2.75 18.16
C HIS A 140 -20.19 2.46 17.46
N GLY A 141 -21.02 1.60 18.02
CA GLY A 141 -22.35 1.29 17.44
C GLY A 141 -22.29 0.48 16.16
N LEU A 142 -21.15 -0.09 15.79
CA LEU A 142 -21.08 -0.94 14.60
C LEU A 142 -21.67 -2.32 14.95
N SER A 143 -22.14 -3.00 13.92
CA SER A 143 -22.78 -4.33 14.04
C SER A 143 -21.96 -5.39 13.33
N GLY A 144 -22.17 -6.63 13.70
CA GLY A 144 -21.72 -7.77 12.89
C GLY A 144 -20.25 -7.67 12.51
N ASP A 145 -19.98 -7.95 11.25
CA ASP A 145 -18.60 -8.02 10.76
C ASP A 145 -17.89 -6.67 10.93
N ALA A 146 -18.61 -5.56 10.75
CA ALA A 146 -17.99 -4.24 10.91
C ALA A 146 -17.47 -4.12 12.35
N ALA A 147 -18.28 -4.48 13.33
CA ALA A 147 -17.85 -4.47 14.74
C ALA A 147 -16.65 -5.38 14.95
N VAL A 148 -16.69 -6.59 14.44
CA VAL A 148 -15.53 -7.48 14.63
C VAL A 148 -14.27 -6.90 14.02
N GLU A 149 -14.35 -6.33 12.82
CA GLU A 149 -13.13 -5.79 12.20
C GLU A 149 -12.62 -4.61 13.05
N ALA A 150 -13.48 -3.68 13.42
CA ALA A 150 -13.00 -2.54 14.26
C ALA A 150 -12.43 -3.05 15.58
N ASN A 151 -13.17 -3.97 16.20
CA ASN A 151 -12.77 -4.49 17.53
C ASN A 151 -11.47 -5.25 17.43
N SER A 152 -11.20 -5.87 16.28
N SER A 152 -11.21 -5.90 16.30
CA SER A 152 -9.94 -6.64 16.13
CA SER A 152 -9.95 -6.66 16.09
C SER A 152 -8.77 -5.67 16.32
C SER A 152 -8.77 -5.70 16.28
N TYR A 153 -8.87 -4.47 15.76
CA TYR A 153 -7.74 -3.50 15.86
C TYR A 153 -7.72 -2.84 17.23
N LEU A 154 -8.88 -2.53 17.81
CA LEU A 154 -8.93 -2.01 19.17
C LEU A 154 -8.31 -3.01 20.14
N ASP A 155 -8.65 -4.28 19.99
CA ASP A 155 -8.13 -5.37 20.86
C ASP A 155 -6.64 -5.57 20.59
N TYR A 156 -6.19 -5.44 19.35
CA TYR A 156 -4.77 -5.56 19.03
C TYR A 156 -3.98 -4.47 19.78
N ALA A 157 -4.50 -3.24 19.79
CA ALA A 157 -3.86 -2.16 20.54
C ALA A 157 -3.87 -2.45 22.04
N VAL A 158 -5.02 -2.89 22.57
CA VAL A 158 -5.07 -3.25 24.03
C VAL A 158 -3.98 -4.26 24.33
N ASN A 159 -3.88 -5.29 23.51
CA ASN A 159 -2.89 -6.37 23.71
CA ASN A 159 -2.91 -6.36 23.80
C ASN A 159 -1.47 -5.80 23.73
N ALA A 160 -1.19 -4.87 22.83
CA ALA A 160 0.15 -4.28 22.73
C ALA A 160 0.47 -3.47 23.98
N LEU A 161 -0.55 -2.98 24.68
CA LEU A 161 -0.40 -2.16 25.89
C LEU A 161 -0.48 -3.00 27.17
N SER A 162 -0.72 -4.31 27.07
CA SER A 162 -1.14 -5.17 28.21
C SER A 162 -0.09 -6.24 28.53
N MET B 1 6.36 -1.25 1.91
N MET B 1 7.06 -1.06 0.88
CA MET B 1 5.79 -1.26 0.55
CA MET B 1 6.12 -0.58 -0.12
C MET B 1 4.36 -0.71 0.61
C MET B 1 4.73 -0.42 0.51
N PHE B 2 3.89 0.17 -0.31
CA PHE B 2 2.46 0.50 -0.22
C PHE B 2 1.68 -0.28 -1.26
N ASP B 3 0.41 -0.46 -0.96
CA ASP B 3 -0.60 -0.78 -1.99
C ASP B 3 -1.50 0.46 -2.12
N ALA B 4 -2.50 0.40 -2.96
CA ALA B 4 -3.31 1.61 -3.19
C ALA B 4 -3.89 2.10 -1.87
N PHE B 5 -4.28 1.19 -1.00
CA PHE B 5 -4.92 1.52 0.28
C PHE B 5 -3.91 2.13 1.25
N THR B 6 -2.76 1.51 1.43
CA THR B 6 -1.78 2.06 2.38
C THR B 6 -1.13 3.34 1.82
N LYS B 7 -1.08 3.51 0.52
CA LYS B 7 -0.59 4.81 -0.01
CA LYS B 7 -0.61 4.81 -0.05
C LYS B 7 -1.52 5.94 0.49
N VAL B 8 -2.83 5.73 0.37
CA VAL B 8 -3.80 6.75 0.85
C VAL B 8 -3.62 6.97 2.34
N VAL B 9 -3.51 5.87 3.11
CA VAL B 9 -3.30 5.96 4.57
C VAL B 9 -2.04 6.78 4.87
N SER B 10 -0.95 6.49 4.19
N SER B 10 -0.94 6.47 4.19
CA SER B 10 0.35 7.14 4.50
CA SER B 10 0.40 7.08 4.42
C SER B 10 0.26 8.65 4.25
C SER B 10 0.32 8.60 4.20
N GLN B 11 -0.42 9.02 3.19
CA GLN B 11 -0.53 10.47 2.86
C GLN B 11 -1.45 11.14 3.89
N ALA B 12 -2.46 10.43 4.37
CA ALA B 12 -3.37 10.98 5.38
C ALA B 12 -2.65 11.10 6.72
N ASP B 13 -1.84 10.10 7.09
CA ASP B 13 -1.17 10.16 8.40
C ASP B 13 -0.23 11.36 8.46
N ALA B 14 0.49 11.63 7.36
CA ALA B 14 1.44 12.77 7.32
C ALA B 14 0.71 14.10 7.56
N ARG B 15 -0.60 14.14 7.33
CA ARG B 15 -1.44 15.34 7.58
C ARG B 15 -2.29 15.21 8.84
N GLY B 16 -2.14 14.12 9.58
CA GLY B 16 -2.96 13.93 10.80
C GLY B 16 -4.45 13.82 10.49
N ALA B 17 -4.81 13.31 9.32
CA ALA B 17 -6.18 13.36 8.81
C ALA B 17 -6.82 12.00 8.73
N TYR B 18 -8.12 11.96 8.97
CA TYR B 18 -8.92 10.80 8.55
C TYR B 18 -9.00 10.80 7.02
N VAL B 19 -9.04 9.61 6.44
CA VAL B 19 -9.27 9.44 5.00
C VAL B 19 -10.67 10.00 4.68
N THR B 20 -10.76 10.85 3.67
CA THR B 20 -12.00 11.57 3.35
C THR B 20 -13.01 10.70 2.61
N ASN B 21 -14.26 11.15 2.57
CA ASN B 21 -15.30 10.44 1.81
C ASN B 21 -14.92 10.33 0.33
N ASP B 22 -14.37 11.37 -0.26
CA ASP B 22 -13.92 11.32 -1.67
C ASP B 22 -12.87 10.23 -1.83
N GLN B 23 -11.91 10.14 -0.92
CA GLN B 23 -10.87 9.11 -0.99
C GLN B 23 -11.44 7.71 -0.83
N ILE B 24 -12.35 7.54 0.13
N ILE B 24 -12.38 7.54 0.10
CA ILE B 24 -13.07 6.27 0.33
CA ILE B 24 -13.04 6.23 0.30
C ILE B 24 -13.79 5.92 -0.98
C ILE B 24 -13.87 5.89 -0.94
N GLY B 25 -14.44 6.89 -1.61
CA GLY B 25 -15.18 6.64 -2.85
C GLY B 25 -14.25 6.13 -3.94
N ALA B 26 -13.09 6.73 -4.06
CA ALA B 26 -12.08 6.34 -5.08
C ALA B 26 -11.58 4.94 -4.78
N LEU B 27 -11.31 4.63 -3.51
CA LEU B 27 -10.86 3.26 -3.20
C LEU B 27 -12.01 2.27 -3.47
N ASN B 28 -13.26 2.65 -3.22
CA ASN B 28 -14.39 1.72 -3.51
C ASN B 28 -14.45 1.43 -5.01
N GLN B 29 -14.20 2.44 -5.83
CA GLN B 29 -14.20 2.21 -7.29
C GLN B 29 -13.04 1.27 -7.67
N LEU B 30 -11.87 1.44 -7.07
CA LEU B 30 -10.75 0.49 -7.31
C LEU B 30 -11.20 -0.93 -6.94
N VAL B 31 -11.83 -1.10 -5.79
CA VAL B 31 -12.28 -2.43 -5.32
C VAL B 31 -13.26 -3.03 -6.32
N SER B 32 -14.22 -2.25 -6.80
N SER B 32 -14.24 -2.25 -6.79
CA SER B 32 -15.27 -2.73 -7.72
CA SER B 32 -15.27 -2.70 -7.76
C SER B 32 -14.67 -3.07 -9.11
C SER B 32 -14.58 -3.19 -9.04
N ASP B 33 -13.48 -2.55 -9.44
CA ASP B 33 -12.68 -2.91 -10.66
C ASP B 33 -11.70 -4.06 -10.37
N GLY B 34 -11.76 -4.70 -9.22
CA GLY B 34 -10.74 -5.69 -8.80
C GLY B 34 -10.60 -6.88 -9.75
N ASN B 35 -11.70 -7.42 -10.27
CA ASN B 35 -11.58 -8.57 -11.22
C ASN B 35 -10.77 -8.14 -12.44
N LYS B 36 -11.09 -6.97 -12.97
CA LYS B 36 -10.42 -6.43 -14.17
C LYS B 36 -8.92 -6.26 -13.87
N ARG B 37 -8.60 -5.77 -12.67
CA ARG B 37 -7.19 -5.56 -12.32
C ARG B 37 -6.45 -6.90 -12.35
N ILE B 38 -7.06 -7.94 -11.79
CA ILE B 38 -6.40 -9.28 -11.73
C ILE B 38 -6.32 -9.82 -13.16
N ASP B 39 -7.28 -9.56 -14.02
CA ASP B 39 -7.15 -9.97 -15.43
C ASP B 39 -5.89 -9.30 -16.03
N VAL B 40 -5.65 -8.02 -15.74
CA VAL B 40 -4.44 -7.33 -16.27
C VAL B 40 -3.18 -8.03 -15.77
N VAL B 41 -3.11 -8.29 -14.47
CA VAL B 41 -1.92 -8.98 -13.91
C VAL B 41 -1.76 -10.33 -14.62
N ASN B 42 -2.85 -11.10 -14.69
CA ASN B 42 -2.82 -12.46 -15.25
C ASN B 42 -2.41 -12.44 -16.72
N ARG B 43 -2.96 -11.53 -17.52
CA ARG B 43 -2.67 -11.49 -18.96
C ARG B 43 -1.22 -11.10 -19.19
N ILE B 44 -0.71 -10.12 -18.46
CA ILE B 44 0.70 -9.69 -18.67
C ILE B 44 1.62 -10.81 -18.21
N THR B 45 1.36 -11.37 -17.04
CA THR B 45 2.22 -12.41 -16.46
C THR B 45 2.25 -13.63 -17.41
N SER B 46 1.08 -14.05 -17.86
CA SER B 46 0.92 -15.25 -18.71
C SER B 46 1.68 -15.09 -20.03
N ASN B 47 1.83 -13.85 -20.49
CA ASN B 47 2.46 -13.54 -21.80
C ASN B 47 3.80 -12.84 -21.59
N ALA B 48 4.43 -12.96 -20.41
CA ALA B 48 5.64 -12.15 -20.11
C ALA B 48 6.77 -12.44 -21.09
N SER B 49 6.98 -13.71 -21.42
CA SER B 49 8.15 -14.10 -22.24
C SER B 49 7.99 -13.50 -23.63
N THR B 50 6.80 -13.54 -24.19
CA THR B 50 6.65 -12.98 -25.56
CA THR B 50 6.49 -12.96 -25.52
C THR B 50 6.64 -11.44 -25.51
N ILE B 51 6.13 -10.83 -24.45
CA ILE B 51 6.22 -9.36 -24.31
C ILE B 51 7.69 -8.94 -24.32
N VAL B 52 8.53 -9.59 -23.55
CA VAL B 52 9.96 -9.27 -23.49
C VAL B 52 10.62 -9.53 -24.84
N ALA B 53 10.42 -10.73 -25.40
CA ALA B 53 11.14 -11.11 -26.63
C ALA B 53 10.73 -10.16 -27.75
N ASP B 54 9.44 -9.89 -27.90
CA ASP B 54 8.98 -9.08 -29.04
C ASP B 54 9.44 -7.63 -28.87
N ALA B 55 9.42 -7.11 -27.66
CA ALA B 55 9.91 -5.74 -27.41
C ALA B 55 11.39 -5.66 -27.68
N ALA B 56 12.16 -6.67 -27.25
CA ALA B 56 13.61 -6.69 -27.46
C ALA B 56 13.90 -6.74 -28.97
N ARG B 57 13.23 -7.60 -29.70
CA ARG B 57 13.46 -7.71 -31.15
C ARG B 57 13.26 -6.32 -31.79
N SER B 58 12.17 -5.67 -31.41
CA SER B 58 11.81 -4.35 -31.96
C SER B 58 12.85 -3.31 -31.58
N LEU B 59 13.31 -3.32 -30.33
CA LEU B 59 14.38 -2.42 -29.88
C LEU B 59 15.62 -2.58 -30.74
N PHE B 60 16.05 -3.82 -30.99
CA PHE B 60 17.33 -4.02 -31.69
C PHE B 60 17.16 -3.66 -33.16
N ALA B 61 15.98 -3.83 -33.71
CA ALA B 61 15.72 -3.38 -35.11
C ALA B 61 15.83 -1.86 -35.22
N ASP B 62 15.34 -1.16 -34.21
CA ASP B 62 15.32 0.31 -34.23
C ASP B 62 16.66 0.87 -33.78
N GLN B 63 17.45 0.14 -33.02
CA GLN B 63 18.72 0.63 -32.43
C GLN B 63 19.80 -0.40 -32.78
N PRO B 64 20.17 -0.55 -34.08
CA PRO B 64 21.10 -1.59 -34.50
C PRO B 64 22.46 -1.46 -33.84
N GLN B 65 22.85 -0.25 -33.42
CA GLN B 65 24.16 -0.09 -32.77
C GLN B 65 24.24 -0.95 -31.50
N LEU B 66 23.12 -1.27 -30.84
CA LEU B 66 23.17 -2.06 -29.60
C LEU B 66 23.72 -3.46 -29.89
N ILE B 67 23.45 -3.99 -31.06
CA ILE B 67 23.84 -5.39 -31.37
C ILE B 67 24.99 -5.44 -32.37
N ALA B 68 25.50 -4.34 -32.85
CA ALA B 68 26.75 -4.38 -33.63
C ALA B 68 27.87 -4.83 -32.69
N PRO B 69 28.93 -5.49 -33.20
CA PRO B 69 30.09 -5.78 -32.38
C PRO B 69 30.56 -4.50 -31.71
N GLY B 70 30.82 -4.60 -30.41
CA GLY B 70 31.15 -3.44 -29.59
C GLY B 70 29.96 -2.74 -28.94
N GLY B 71 28.76 -3.06 -29.37
CA GLY B 71 27.56 -2.40 -28.82
C GLY B 71 27.19 -2.95 -27.45
N MEN B 72 26.30 -2.23 -26.75
CA MEN B 72 26.07 -2.61 -25.35
C MEN B 72 25.31 -3.90 -25.17
O MEN B 72 25.42 -4.49 -24.10
CB MEN B 72 25.41 -1.50 -24.51
CG MEN B 72 25.58 -1.74 -23.00
OD1 MEN B 72 24.65 -1.98 -22.22
ND2 MEN B 72 26.83 -1.66 -22.53
CE2 MEN B 72 27.18 -1.92 -21.11
N ALA B 73 24.60 -4.38 -26.19
CA ALA B 73 23.91 -5.66 -26.12
C ALA B 73 24.58 -6.74 -26.96
N TYR B 74 25.79 -6.49 -27.43
CA TYR B 74 26.60 -7.46 -28.17
C TYR B 74 27.32 -8.35 -27.15
N THR B 75 27.58 -9.59 -27.57
CA THR B 75 28.03 -10.76 -26.76
C THR B 75 26.81 -11.41 -26.12
N SER B 76 26.88 -12.73 -25.94
CA SER B 76 25.71 -13.42 -25.37
C SER B 76 25.45 -12.96 -23.93
N ARG B 77 26.49 -12.66 -23.18
CA ARG B 77 26.32 -12.31 -21.74
C ARG B 77 25.59 -10.97 -21.68
N ARG B 78 25.98 -10.00 -22.49
CA ARG B 78 25.31 -8.68 -22.45
CA ARG B 78 25.34 -8.66 -22.48
C ARG B 78 23.90 -8.79 -23.00
N MET B 79 23.70 -9.54 -24.08
CA MET B 79 22.31 -9.72 -24.57
C MET B 79 21.46 -10.35 -23.47
N ALA B 80 21.96 -11.39 -22.82
CA ALA B 80 21.19 -12.06 -21.77
C ALA B 80 20.90 -11.11 -20.63
N ALA B 81 21.88 -10.29 -20.23
CA ALA B 81 21.64 -9.29 -19.16
C ALA B 81 20.56 -8.29 -19.59
N CYS B 82 20.59 -7.86 -20.86
CA CYS B 82 19.58 -6.90 -21.35
C CYS B 82 18.19 -7.51 -21.33
N LEU B 83 18.05 -8.74 -21.81
CA LEU B 83 16.76 -9.44 -21.78
C LEU B 83 16.29 -9.62 -20.32
N ARG B 84 17.23 -9.92 -19.44
N ARG B 84 17.24 -9.93 -19.42
CA ARG B 84 16.92 -10.05 -18.00
CA ARG B 84 16.93 -10.04 -17.97
C ARG B 84 16.39 -8.72 -17.45
C ARG B 84 16.38 -8.71 -17.46
N ASP B 85 17.01 -7.59 -17.80
CA ASP B 85 16.55 -6.30 -17.28
C ASP B 85 15.14 -6.03 -17.77
N MET B 86 14.85 -6.32 -19.04
CA MET B 86 13.51 -6.09 -19.60
CA MET B 86 13.50 -6.06 -19.57
C MET B 86 12.51 -6.91 -18.76
N GLU B 87 12.83 -8.18 -18.51
CA GLU B 87 11.93 -9.03 -17.71
C GLU B 87 11.79 -8.50 -16.28
N ILE B 88 12.88 -8.07 -15.67
CA ILE B 88 12.85 -7.51 -14.31
C ILE B 88 11.86 -6.34 -14.27
N ILE B 89 12.02 -5.39 -15.20
CA ILE B 89 11.15 -4.19 -15.20
C ILE B 89 9.71 -4.61 -15.41
N LEU B 90 9.44 -5.53 -16.35
CA LEU B 90 8.05 -5.99 -16.55
C LEU B 90 7.52 -6.62 -15.25
N ARG B 91 8.35 -7.42 -14.60
CA ARG B 91 7.92 -8.07 -13.34
C ARG B 91 7.52 -7.00 -12.31
N TYR B 92 8.34 -5.96 -12.13
CA TYR B 92 7.98 -4.92 -11.16
C TYR B 92 6.73 -4.14 -11.62
N VAL B 93 6.55 -3.91 -12.93
CA VAL B 93 5.29 -3.30 -13.41
C VAL B 93 4.10 -4.19 -13.00
N THR B 94 4.21 -5.51 -13.15
CA THR B 94 3.07 -6.37 -12.75
C THR B 94 2.81 -6.23 -11.25
N TYR B 95 3.85 -6.10 -10.45
CA TYR B 95 3.65 -5.92 -8.99
C TYR B 95 2.90 -4.61 -8.73
N ALA B 96 3.23 -3.55 -9.47
CA ALA B 96 2.59 -2.24 -9.30
C ALA B 96 1.12 -2.30 -9.70
N ILE B 97 0.81 -2.95 -10.82
CA ILE B 97 -0.62 -3.03 -11.22
C ILE B 97 -1.38 -3.99 -10.30
N PHE B 98 -0.72 -4.98 -9.69
CA PHE B 98 -1.35 -5.87 -8.71
C PHE B 98 -1.71 -5.10 -7.43
N THR B 99 -0.77 -4.29 -6.90
CA THR B 99 -0.97 -3.59 -5.63
C THR B 99 -1.76 -2.29 -5.82
N GLY B 100 -1.74 -1.75 -7.03
CA GLY B 100 -2.32 -0.42 -7.27
C GLY B 100 -1.46 0.73 -6.77
N ASP B 101 -0.16 0.53 -6.61
CA ASP B 101 0.77 1.61 -6.25
C ASP B 101 2.14 1.33 -6.85
N GLY B 102 2.85 2.40 -7.21
CA GLY B 102 4.18 2.27 -7.83
C GLY B 102 5.33 2.15 -6.85
N SER B 103 5.10 2.21 -5.53
CA SER B 103 6.19 2.20 -4.54
C SER B 103 7.06 0.93 -4.68
N VAL B 104 6.48 -0.24 -4.95
CA VAL B 104 7.32 -1.45 -5.05
C VAL B 104 8.37 -1.26 -6.15
N MET B 105 7.94 -0.64 -7.22
N MET B 105 7.94 -0.69 -7.28
CA MET B 105 8.82 -0.50 -8.39
CA MET B 105 8.84 -0.38 -8.41
C MET B 105 9.86 0.62 -8.12
C MET B 105 9.93 0.56 -7.92
N ASP B 106 9.50 1.69 -7.40
CA ASP B 106 10.46 2.74 -7.01
C ASP B 106 11.50 2.14 -6.06
N ASP B 107 11.04 1.49 -5.01
CA ASP B 107 11.89 1.14 -3.86
C ASP B 107 12.84 0.01 -4.21
N ARG B 108 12.39 -0.94 -5.03
CA ARG B 108 13.14 -2.20 -5.24
C ARG B 108 13.75 -2.33 -6.62
N CYS B 109 13.40 -1.48 -7.56
CA CYS B 109 13.84 -1.61 -8.96
C CYS B 109 14.43 -0.29 -9.46
N LEU B 110 13.71 0.81 -9.34
CA LEU B 110 14.09 2.04 -10.05
C LEU B 110 15.01 2.95 -9.24
N ASN B 111 14.90 2.98 -7.93
CA ASN B 111 15.73 3.96 -7.16
CA ASN B 111 15.74 3.88 -7.08
C ASN B 111 17.20 3.54 -7.32
N GLY B 112 18.00 4.47 -7.79
CA GLY B 112 19.44 4.25 -8.04
C GLY B 112 19.71 3.56 -9.37
N LEU B 113 18.69 3.22 -10.16
CA LEU B 113 18.93 2.47 -11.42
C LEU B 113 19.63 3.37 -12.44
N ARG B 114 19.24 4.64 -12.52
CA ARG B 114 19.92 5.62 -13.39
C ARG B 114 21.43 5.51 -13.15
N GLU B 115 21.82 5.57 -11.89
CA GLU B 115 23.25 5.64 -11.50
C GLU B 115 23.93 4.31 -11.78
N THR B 116 23.24 3.20 -11.52
CA THR B 116 23.77 1.86 -11.85
C THR B 116 24.09 1.81 -13.35
N TYR B 117 23.17 2.27 -14.19
CA TYR B 117 23.39 2.22 -15.64
C TYR B 117 24.55 3.15 -16.04
N VAL B 118 24.69 4.30 -15.41
CA VAL B 118 25.87 5.14 -15.72
C VAL B 118 27.15 4.38 -15.42
N ALA B 119 27.22 3.74 -14.25
CA ALA B 119 28.46 3.04 -13.85
C ALA B 119 28.79 1.91 -14.82
N LEU B 120 27.78 1.27 -15.38
CA LEU B 120 27.97 0.13 -16.31
C LEU B 120 28.14 0.58 -17.75
N GLY B 121 27.78 1.81 -18.12
CA GLY B 121 27.71 2.19 -19.53
C GLY B 121 26.49 1.65 -20.26
N VAL B 122 25.40 1.36 -19.57
CA VAL B 122 24.15 0.91 -20.21
C VAL B 122 23.37 2.14 -20.65
N PRO B 123 22.95 2.22 -21.93
CA PRO B 123 22.30 3.42 -22.42
C PRO B 123 20.83 3.45 -22.01
N GLY B 124 20.51 4.31 -21.08
CA GLY B 124 19.16 4.37 -20.53
C GLY B 124 18.11 4.80 -21.51
N ALA B 125 18.44 5.61 -22.51
CA ALA B 125 17.45 5.95 -23.53
C ALA B 125 16.98 4.70 -24.26
N SER B 126 17.88 3.76 -24.50
CA SER B 126 17.49 2.48 -25.15
C SER B 126 16.72 1.59 -24.18
N VAL B 127 17.08 1.58 -22.90
CA VAL B 127 16.27 0.85 -21.91
C VAL B 127 14.85 1.42 -21.94
N ALA B 128 14.74 2.75 -21.91
CA ALA B 128 13.42 3.42 -21.93
C ALA B 128 12.62 3.03 -23.17
N GLN B 129 13.28 2.93 -24.32
CA GLN B 129 12.60 2.53 -25.55
C GLN B 129 12.11 1.08 -25.42
N GLY B 130 12.94 0.19 -24.87
CA GLY B 130 12.51 -1.19 -24.61
C GLY B 130 11.28 -1.23 -23.72
N VAL B 131 11.31 -0.44 -22.66
CA VAL B 131 10.19 -0.35 -21.70
C VAL B 131 8.92 0.11 -22.42
N SER B 132 9.04 1.15 -23.26
N SER B 132 9.04 1.17 -23.23
CA SER B 132 7.85 1.67 -23.96
CA SER B 132 7.93 1.74 -24.04
C SER B 132 7.32 0.67 -24.99
C SER B 132 7.33 0.66 -24.95
N LYS B 133 8.20 -0.14 -25.56
CA LYS B 133 7.75 -1.21 -26.47
C LYS B 133 7.05 -2.31 -25.67
N MET B 134 7.52 -2.64 -24.48
CA MET B 134 6.78 -3.58 -23.63
C MET B 134 5.43 -2.97 -23.24
N LYS B 135 5.38 -1.67 -22.98
CA LYS B 135 4.10 -1.00 -22.64
C LYS B 135 3.08 -1.24 -23.75
N GLN B 136 3.44 -0.96 -24.99
CA GLN B 136 2.51 -1.07 -26.13
CA GLN B 136 2.47 -1.05 -26.10
C GLN B 136 1.97 -2.50 -26.19
N ALA B 137 2.87 -3.45 -26.09
CA ALA B 137 2.48 -4.87 -26.21
C ALA B 137 1.59 -5.28 -25.03
N ALA B 138 1.98 -4.88 -23.84
CA ALA B 138 1.24 -5.28 -22.63
C ALA B 138 -0.17 -4.69 -22.66
N ILE B 139 -0.33 -3.45 -23.12
CA ILE B 139 -1.69 -2.84 -23.19
C ILE B 139 -2.53 -3.60 -24.23
N ALA B 140 -1.95 -3.93 -25.38
CA ALA B 140 -2.69 -4.62 -26.46
C ALA B 140 -3.19 -5.96 -25.94
N ILE B 141 -2.34 -6.67 -25.20
CA ILE B 141 -2.70 -8.01 -24.63
C ILE B 141 -3.70 -7.82 -23.48
N ALA B 142 -3.43 -6.90 -22.57
CA ALA B 142 -4.28 -6.76 -21.36
C ALA B 142 -5.68 -6.29 -21.76
N ASN B 143 -5.78 -5.43 -22.77
CA ASN B 143 -7.04 -4.75 -23.15
C ASN B 143 -7.68 -5.45 -24.35
N ASP B 144 -7.26 -6.67 -24.69
CA ASP B 144 -7.81 -7.44 -25.82
C ASP B 144 -9.22 -7.94 -25.45
N ARG B 145 -10.17 -7.72 -26.35
CA ARG B 145 -11.61 -7.97 -26.12
CA ARG B 145 -11.60 -7.97 -26.05
C ARG B 145 -11.94 -9.47 -26.20
N GLY B 146 -11.03 -10.27 -26.76
CA GLY B 146 -11.26 -11.72 -26.93
C GLY B 146 -11.24 -12.47 -25.61
N GLY B 147 -12.18 -13.37 -25.41
CA GLY B 147 -12.11 -14.38 -24.33
C GLY B 147 -12.25 -13.77 -22.96
N ILE B 148 -13.07 -12.72 -22.81
CA ILE B 148 -13.29 -12.05 -21.51
C ILE B 148 -14.69 -11.42 -21.49
N THR B 149 -15.27 -11.29 -20.30
CA THR B 149 -16.56 -10.56 -20.14
C THR B 149 -16.31 -9.12 -20.59
N GLN B 150 -17.17 -8.59 -21.45
CA GLN B 150 -16.98 -7.26 -22.08
C GLN B 150 -17.21 -6.17 -21.05
N GLY B 151 -16.36 -5.15 -21.07
CA GLY B 151 -16.52 -3.98 -20.22
C GLY B 151 -15.35 -3.05 -20.41
N ASP B 152 -15.33 -1.96 -19.64
CA ASP B 152 -14.34 -0.89 -19.80
C ASP B 152 -13.19 -1.06 -18.80
N CYS B 153 -11.95 -1.08 -19.30
CA CYS B 153 -10.74 -1.15 -18.45
C CYS B 153 -9.84 0.06 -18.67
N SER B 154 -10.41 1.15 -19.17
CA SER B 154 -9.60 2.34 -19.56
C SER B 154 -8.82 2.90 -18.36
N SER B 155 -9.43 2.97 -17.17
CA SER B 155 -8.73 3.50 -15.97
CA SER B 155 -8.74 3.49 -15.96
C SER B 155 -7.50 2.63 -15.68
N LEU B 156 -7.66 1.31 -15.73
CA LEU B 156 -6.51 0.42 -15.48
C LEU B 156 -5.45 0.57 -16.56
N MET B 157 -5.85 0.76 -17.80
N MET B 157 -5.85 0.77 -17.81
CA MET B 157 -4.83 0.92 -18.87
CA MET B 157 -4.84 0.92 -18.89
C MET B 157 -4.06 2.22 -18.65
C MET B 157 -4.07 2.23 -18.69
N SER B 158 -4.71 3.30 -18.23
CA SER B 158 -4.02 4.57 -17.91
CA SER B 158 -4.02 4.58 -17.90
C SER B 158 -3.04 4.34 -16.74
N GLU B 159 -3.48 3.66 -15.72
CA GLU B 159 -2.64 3.40 -14.53
C GLU B 159 -1.43 2.54 -14.94
N LEU B 160 -1.68 1.51 -15.74
CA LEU B 160 -0.62 0.60 -16.22
C LEU B 160 0.39 1.38 -17.05
N SER B 161 -0.10 2.17 -17.98
CA SER B 161 0.76 3.03 -18.82
CA SER B 161 0.73 3.07 -18.83
C SER B 161 1.64 3.89 -17.90
N GLY B 162 1.06 4.43 -16.86
CA GLY B 162 1.82 5.28 -15.92
C GLY B 162 2.98 4.54 -15.30
N TYR B 163 2.82 3.25 -14.95
CA TYR B 163 3.94 2.51 -14.34
C TYR B 163 5.04 2.29 -15.38
N PHE B 164 4.68 1.91 -16.60
CA PHE B 164 5.73 1.77 -17.64
C PHE B 164 6.44 3.12 -17.88
N ASP B 165 5.67 4.21 -17.94
CA ASP B 165 6.25 5.55 -18.19
C ASP B 165 7.18 5.94 -17.03
N ARG B 166 6.81 5.58 -15.82
CA ARG B 166 7.64 5.86 -14.64
C ARG B 166 8.98 5.12 -14.75
N ALA B 167 8.95 3.84 -15.13
CA ALA B 167 10.21 3.11 -15.34
C ALA B 167 11.05 3.74 -16.45
N ALA B 168 10.40 4.09 -17.57
CA ALA B 168 11.12 4.71 -18.70
C ALA B 168 11.81 6.00 -18.26
N ALA B 169 11.11 6.81 -17.46
CA ALA B 169 11.72 8.09 -17.01
C ALA B 169 12.88 7.82 -16.05
N ALA B 170 12.77 6.78 -15.24
CA ALA B 170 13.73 6.54 -14.15
C ALA B 170 15.10 6.10 -14.67
N VAL B 171 15.17 5.51 -15.84
CA VAL B 171 16.42 4.86 -16.30
C VAL B 171 17.31 5.86 -17.02
N GLY B 172 16.80 7.05 -17.40
CA GLY B 172 17.50 8.03 -18.24
C GLY B 172 17.99 9.25 -17.51
CHA CYC C . 2.42 13.02 25.83
NA CYC C . 1.88 11.27 24.15
C1A CYC C . 2.71 12.20 24.74
C2A CYC C . 3.98 12.19 24.05
C3A CYC C . 3.87 11.28 23.03
C4A CYC C . 2.51 10.75 23.05
CMA CYC C . 5.00 10.82 22.17
CAA CYC C . 5.22 12.96 24.45
CBA CYC C . 5.63 14.02 23.41
CGA CYC C . 4.50 14.98 23.13
O1A CYC C . 3.86 14.85 22.08
O2A CYC C . 4.27 15.84 24.01
CHB CYC C . 1.90 9.81 22.19
NB CYC C . 2.87 10.25 19.99
C1B CYC C . 2.04 9.56 20.85
C2B CYC C . 1.46 8.51 20.11
C3B CYC C . 1.90 8.58 18.80
C4B CYC C . 2.86 9.71 18.73
CMB CYC C . 0.47 7.55 20.67
CAB CYC C . 1.61 7.68 17.65
CBB CYC C . 0.96 8.39 16.46
OB CYC C . 3.51 10.08 17.76
NC CYC C . -2.18 11.93 30.48
C1C CYC C . -3.20 11.67 31.37
C2C CYC C . -4.37 11.15 30.59
C3C CYC C . -3.67 10.59 29.33
C4C CYC C . -2.49 11.50 29.19
CMC CYC C . -5.24 10.15 31.37
CAC CYC C . -4.57 10.35 28.09
CBC CYC C . -5.08 8.92 28.04
OC CYC C . -3.17 11.90 32.57
CHD CYC C . -1.79 11.81 28.03
ND CYC C . 0.24 12.25 26.77
C1D CYC C . -0.60 12.60 27.80
C2D CYC C . 0.02 13.69 28.48
C3D CYC C . 1.19 13.99 27.80
C4D CYC C . 1.33 13.08 26.71
CMD CYC C . -0.59 14.46 29.61
CAD CYC C . 2.21 15.06 28.11
CBD CYC C . 3.47 14.47 28.74
CGD CYC C . 4.58 15.46 29.02
O1D CYC C . 5.48 15.15 29.82
O2D CYC C . 4.58 16.55 28.41
C1 PEG D . -9.94 18.88 36.58
O1 PEG D . -8.72 19.23 35.99
C2 PEG D . -10.76 18.07 35.71
O2 PEG D . -11.96 17.69 36.35
C3 PEG D . -12.47 16.47 35.82
C4 PEG D . -12.87 16.70 34.42
O4 PEG D . -13.52 15.61 33.82
C1 EDO E . 4.39 -3.01 22.84
O1 EDO E . 5.79 -3.07 23.11
C2 EDO E . 3.83 -4.30 22.39
O2 EDO E . 4.21 -4.65 21.08
C1 EDO F . 1.82 -6.06 18.55
O1 EDO F . 1.94 -5.94 19.97
C2 EDO F . 2.45 -7.31 18.16
O2 EDO F . 2.25 -7.76 16.87
C1 EDO G . 5.68 -5.97 2.00
O1 EDO G . 4.88 -6.85 2.68
C2 EDO G . 6.23 -4.90 2.84
O2 EDO G . 7.59 -5.12 3.14
C1 EDO H . -8.91 -6.72 25.09
O1 EDO H . -9.53 -5.59 24.47
C2 EDO H . -8.35 -7.75 24.18
O2 EDO H . -6.99 -7.56 23.76
C1 EDO I . 7.72 -0.39 21.81
O1 EDO I . 6.36 -0.87 21.76
C2 EDO I . 8.80 -0.89 20.88
O2 EDO I . 8.43 -1.55 19.66
N1 IMD J . -9.77 -8.13 8.02
C2 IMD J . -10.54 -8.32 6.92
N3 IMD J . -9.74 -8.54 5.89
C4 IMD J . -8.47 -8.21 6.25
C5 IMD J . -8.47 -8.04 7.60
N1 IMD K . -11.12 -17.00 -9.56
C2 IMD K . -11.63 -16.35 -8.52
N3 IMD K . -12.93 -16.27 -8.68
C4 IMD K . -13.30 -17.09 -9.72
C5 IMD K . -12.17 -17.56 -10.27
C1 EDO L . -16.32 -7.04 -7.43
O1 EDO L . -17.65 -7.51 -7.46
C2 EDO L . -15.57 -7.57 -6.26
O2 EDO L . -15.54 -6.67 -5.19
CHA CYC M . 23.53 -5.08 -16.30
NA CYC M . 21.46 -4.50 -15.06
C1A CYC M . 22.77 -4.87 -15.12
C2A CYC M . 23.32 -5.01 -13.78
C3A CYC M . 22.29 -4.73 -12.93
C4A CYC M . 21.09 -4.48 -13.74
CMA CYC M . 22.41 -4.60 -11.44
CAA CYC M . 24.75 -5.34 -13.46
CBA CYC M . 24.93 -6.79 -13.00
CGA CYC M . 24.57 -7.81 -14.07
O1A CYC M . 25.23 -7.86 -15.14
O2A CYC M . 23.60 -8.58 -13.83
CHB CYC M . 19.79 -4.20 -13.30
NB CYC M . 19.54 -5.81 -11.49
C1B CYC M . 19.10 -4.73 -12.23
C2B CYC M . 17.80 -4.37 -11.77
C3B CYC M . 17.48 -5.19 -10.72
C4B CYC M . 18.61 -6.14 -10.53
CMB CYC M . 16.95 -3.28 -12.34
CAB CYC M . 16.26 -5.26 -9.85
CBB CYC M . 16.57 -4.73 -8.47
OB CYC M . 18.70 -7.07 -9.74
NC CYC M . 21.99 -3.17 -22.51
C1C CYC M . 21.56 -2.61 -23.68
C2C CYC M . 20.08 -2.41 -23.63
C3C CYC M . 19.66 -2.98 -22.27
C4C CYC M . 20.94 -3.44 -21.64
CMC CYC M . 19.72 -0.95 -23.87
CAC CYC M . 18.51 -4.00 -22.35
CBC CYC M . 17.22 -3.32 -22.82
OC CYC M . 22.28 -2.30 -24.60
CHD CYC M . 21.02 -3.93 -20.37
ND CYC M . 22.06 -4.42 -18.21
C1D CYC M . 22.14 -4.41 -19.57
C2D CYC M . 23.42 -4.92 -19.92
C3D CYC M . 24.07 -5.24 -18.75
C4D CYC M . 23.21 -4.94 -17.66
CMD CYC M . 23.95 -5.18 -21.29
CAD CYC M . 25.44 -5.79 -18.60
CBD CYC M . 26.53 -4.73 -18.56
CGD CYC M . 27.95 -5.27 -18.63
O1D CYC M . 28.78 -4.65 -19.31
O2D CYC M . 28.20 -6.29 -18.01
CHA CYC N . -14.67 -10.13 -15.01
NA CYC N . -12.50 -11.18 -14.44
C1A CYC N . -13.86 -11.04 -14.32
C2A CYC N . -14.38 -12.04 -13.39
C3A CYC N . -13.31 -12.77 -12.96
C4A CYC N . -12.15 -12.29 -13.69
CMA CYC N . -13.39 -13.80 -11.87
CAA CYC N . -15.81 -12.20 -12.98
CBA CYC N . -16.50 -13.32 -13.76
CGA CYC N . -16.40 -13.11 -15.26
O1A CYC N . -17.14 -12.26 -15.79
O2A CYC N . -15.59 -13.82 -15.89
CHB CYC N . -10.82 -12.76 -13.62
NB CYC N . -11.10 -15.24 -13.55
C1B CYC N . -10.35 -14.06 -13.56
C2B CYC N . -8.97 -14.44 -13.49
C3B CYC N . -8.87 -15.80 -13.47
C4B CYC N . -10.26 -16.32 -13.58
CMB CYC N . -7.78 -13.53 -13.47
CAB CYC N . -7.66 -16.67 -13.43
CBB CYC N . -7.38 -17.20 -12.02
OB CYC N . -10.62 -17.48 -13.63
NC CYC N . -13.13 -6.79 -20.15
C1C CYC N . -12.92 -6.16 -21.35
C2C CYC N . -11.56 -5.51 -21.29
C3C CYC N . -10.87 -6.14 -20.08
C4C CYC N . -12.03 -6.72 -19.30
CMC CYC N . -10.79 -5.61 -22.59
CAC CYC N . -9.98 -5.10 -19.34
CBC CYC N . -8.90 -5.72 -18.48
OC CYC N . -13.70 -6.17 -22.30
CHD CYC N . -12.10 -7.15 -17.99
ND CYC N . -13.12 -8.78 -16.43
C1D CYC N . -13.21 -7.70 -17.29
C2D CYC N . -14.55 -7.21 -17.20
C3D CYC N . -15.26 -8.04 -16.35
C4D CYC N . -14.36 -9.06 -15.88
CMD CYC N . -15.09 -6.00 -17.90
CAD CYC N . -16.70 -7.89 -15.99
CBD CYC N . -16.93 -6.84 -14.90
CGD CYC N . -16.28 -7.21 -13.59
O1D CYC N . -16.58 -8.27 -13.04
O2D CYC N . -15.46 -6.40 -13.13
C1 PGE O . 26.27 0.85 -27.26
O1 PGE O . 25.61 0.18 -28.22
C2 PGE O . 25.38 1.67 -26.48
O2 PGE O . 24.93 2.77 -27.27
C3 PGE O . 23.82 2.46 -28.07
C4 PGE O . 22.88 3.64 -28.15
O4 PGE O . 21.61 6.13 -25.64
C6 PGE O . 20.82 4.98 -25.80
C5 PGE O . 20.81 4.40 -27.14
O3 PGE O . 21.73 3.35 -27.39
N1 IMD P . 8.50 19.83 7.18
C2 IMD P . 7.59 18.94 7.61
N3 IMD P . 6.68 18.81 6.67
C4 IMD P . 7.16 19.40 5.52
C5 IMD P . 8.21 20.14 5.86
N1 IMD Q . 10.25 -17.54 -26.02
C2 IMD Q . 9.89 -16.26 -26.19
N3 IMD Q . 8.74 -16.25 -26.83
C4 IMD Q . 8.33 -17.54 -27.04
C5 IMD Q . 9.21 -18.33 -26.43
#